data_3ILX
#
_entry.id   3ILX
#
_cell.length_a   50.013
_cell.length_b   50.013
_cell.length_c   126.134
_cell.angle_alpha   90.00
_cell.angle_beta   90.00
_cell.angle_gamma   90.00
#
_symmetry.space_group_name_H-M   'P 43'
#
loop_
_entity.id
_entity.type
_entity.pdbx_description
1 polymer 'First ORF in transposon ISC1904'
2 non-polymer GLYCEROL
3 water water
#
_entity_poly.entity_id   1
_entity_poly.type   'polypeptide(L)'
_entity_poly.pdbx_seq_one_letter_code
;SNAKVILYARVSSNTQKDDLANQVKYLEEQVKEYDLVITDIGSGLN(MSE)KRKGFLKLLR(MSE)ILNNEVSRVITAYP
DRLVRFGFEILEEVCKAHNCEIVVLNQEDKTPEEELVEDLATILVSFSGKLHG(MSE)RSQKYEKVKKCAEELKN
;
_entity_poly.pdbx_strand_id   A,B
#
loop_
_chem_comp.id
_chem_comp.type
_chem_comp.name
_chem_comp.formula
GOL non-polymer GLYCEROL 'C3 H8 O3'
#
# COMPACT_ATOMS: atom_id res chain seq x y z
N ALA A 3 -23.43 4.92 14.88
CA ALA A 3 -22.14 4.49 14.30
C ALA A 3 -22.36 3.08 13.74
N LYS A 4 -21.86 2.83 12.53
CA LYS A 4 -22.20 1.63 11.75
C LYS A 4 -21.24 0.45 11.90
N VAL A 5 -21.80 -0.76 11.95
CA VAL A 5 -21.05 -2.00 11.91
C VAL A 5 -21.14 -2.59 10.52
N ILE A 6 -19.98 -2.72 9.88
CA ILE A 6 -19.90 -3.03 8.45
C ILE A 6 -19.07 -4.28 8.17
N LEU A 7 -19.63 -5.19 7.39
CA LEU A 7 -18.90 -6.34 6.87
C LEU A 7 -18.31 -5.99 5.51
N TYR A 8 -17.03 -6.27 5.33
CA TYR A 8 -16.41 -6.01 4.04
C TYR A 8 -15.93 -7.31 3.44
N ALA A 9 -16.37 -7.62 2.22
CA ALA A 9 -15.95 -8.86 1.59
C ALA A 9 -15.45 -8.58 0.19
N ARG A 10 -14.47 -9.35 -0.27
CA ARG A 10 -13.85 -9.12 -1.57
C ARG A 10 -13.30 -10.42 -2.15
N VAL A 11 -13.49 -10.63 -3.44
CA VAL A 11 -12.77 -11.64 -4.20
C VAL A 11 -12.18 -10.98 -5.46
N SER A 12 -11.07 -11.52 -5.93
CA SER A 12 -10.40 -10.94 -7.09
C SER A 12 -11.21 -11.27 -8.34
N SER A 13 -11.79 -12.46 -8.38
CA SER A 13 -12.83 -12.86 -9.34
C SER A 13 -13.74 -13.98 -8.75
N ASN A 14 -14.96 -14.10 -9.27
CA ASN A 14 -15.80 -15.27 -8.95
C ASN A 14 -15.54 -16.39 -9.92
N THR A 15 -14.82 -17.40 -9.43
CA THR A 15 -14.30 -18.44 -10.28
C THR A 15 -14.71 -19.84 -9.81
N LYS A 17 -18.43 -19.14 -8.99
CA LYS A 17 -19.56 -18.23 -8.95
C LYS A 17 -19.87 -17.80 -7.51
N ASP A 18 -20.02 -18.78 -6.63
CA ASP A 18 -20.49 -18.57 -5.25
C ASP A 18 -19.41 -18.16 -4.25
N ASP A 19 -18.23 -17.81 -4.75
CA ASP A 19 -17.09 -17.51 -3.88
C ASP A 19 -17.33 -16.34 -2.94
N LEU A 20 -17.76 -15.22 -3.50
CA LEU A 20 -18.03 -14.04 -2.73
C LEU A 20 -19.22 -14.25 -1.77
N ALA A 21 -20.30 -14.85 -2.29
CA ALA A 21 -21.51 -15.12 -1.50
C ALA A 21 -21.17 -15.95 -0.27
N ASN A 22 -20.29 -16.93 -0.43
CA ASN A 22 -19.85 -17.73 0.71
C ASN A 22 -18.98 -16.97 1.71
N GLN A 23 -18.25 -15.98 1.23
CA GLN A 23 -17.46 -15.15 2.15
C GLN A 23 -18.41 -14.28 2.99
N VAL A 24 -19.39 -13.69 2.31
CA VAL A 24 -20.38 -12.89 3.00
C VAL A 24 -21.11 -13.72 4.08
N LYS A 25 -21.52 -14.92 3.70
CA LYS A 25 -22.25 -15.81 4.59
C LYS A 25 -21.39 -16.19 5.77
N TYR A 26 -20.10 -16.41 5.52
CA TYR A 26 -19.21 -16.75 6.62
C TYR A 26 -19.14 -15.59 7.64
N LEU A 27 -19.03 -14.37 7.09
CA LEU A 27 -18.95 -13.15 7.89
C LEU A 27 -20.18 -12.98 8.74
N GLU A 28 -21.34 -13.16 8.12
CA GLU A 28 -22.61 -13.04 8.80
C GLU A 28 -22.81 -14.05 9.94
N GLU A 29 -22.28 -15.26 9.77
CA GLU A 29 -22.35 -16.26 10.85
C GLU A 29 -21.50 -15.88 12.04
N GLN A 30 -20.44 -15.13 11.81
CA GLN A 30 -19.55 -14.69 12.88
C GLN A 30 -20.02 -13.40 13.56
N VAL A 31 -20.52 -12.48 12.75
CA VAL A 31 -21.10 -11.23 13.22
C VAL A 31 -22.59 -11.30 12.94
N LYS A 32 -23.36 -11.48 13.98
CA LYS A 32 -24.80 -11.55 13.82
C LYS A 32 -25.45 -10.18 13.66
N GLU A 33 -24.89 -9.17 14.33
CA GLU A 33 -25.42 -7.80 14.29
C GLU A 33 -24.55 -6.92 13.42
N TYR A 34 -25.05 -6.60 12.23
CA TYR A 34 -24.30 -5.70 11.35
C TYR A 34 -25.29 -4.78 10.70
N ASP A 35 -24.79 -3.61 10.30
CA ASP A 35 -25.61 -2.56 9.69
C ASP A 35 -25.58 -2.62 8.15
N LEU A 36 -24.42 -2.94 7.60
CA LEU A 36 -24.25 -2.93 6.16
C LEU A 36 -23.21 -3.98 5.74
N VAL A 37 -23.39 -4.51 4.52
CA VAL A 37 -22.44 -5.38 3.87
C VAL A 37 -21.97 -4.67 2.58
N ILE A 38 -20.67 -4.48 2.46
CA ILE A 38 -20.10 -3.82 1.29
C ILE A 38 -19.20 -4.85 0.64
N THR A 39 -19.33 -5.03 -0.67
CA THR A 39 -18.52 -6.04 -1.36
C THR A 39 -17.86 -5.47 -2.61
N ASP A 40 -16.78 -6.11 -3.05
CA ASP A 40 -16.06 -5.70 -4.24
C ASP A 40 -15.58 -6.96 -4.94
N ILE A 41 -15.57 -6.90 -6.26
CA ILE A 41 -14.91 -7.93 -7.05
C ILE A 41 -13.77 -7.20 -7.72
N GLY A 42 -12.54 -7.57 -7.36
CA GLY A 42 -11.35 -6.96 -7.90
C GLY A 42 -10.23 -7.24 -6.92
N SER A 43 -9.03 -6.80 -7.28
CA SER A 43 -7.81 -7.02 -6.54
C SER A 43 -7.72 -6.07 -5.34
N GLY A 44 -7.09 -6.55 -4.28
CA GLY A 44 -6.70 -5.68 -3.18
C GLY A 44 -5.76 -4.54 -3.58
N LEU A 45 -5.09 -4.68 -4.72
CA LEU A 45 -4.24 -3.61 -5.27
C LEU A 45 -5.06 -2.49 -5.91
N ASN A 46 -6.34 -2.76 -6.23
CA ASN A 46 -7.12 -1.81 -7.04
C ASN A 46 -7.67 -0.69 -6.14
N MSE A 47 -7.08 0.49 -6.27
CA MSE A 47 -7.43 1.64 -5.44
C MSE A 47 -8.72 2.36 -5.91
O MSE A 47 -9.18 3.32 -5.28
CB MSE A 47 -6.26 2.63 -5.38
CG MSE A 47 -4.97 2.05 -4.86
SE MSE A 47 -5.12 1.88 -2.97
CE MSE A 47 -5.96 0.11 -2.85
N LYS A 48 -9.31 1.87 -7.01
CA LYS A 48 -10.57 2.41 -7.52
C LYS A 48 -11.80 1.56 -7.15
N ARG A 49 -11.61 0.49 -6.38
CA ARG A 49 -12.75 -0.33 -5.93
C ARG A 49 -13.84 0.57 -5.29
N LYS A 50 -15.04 0.53 -5.83
CA LYS A 50 -16.16 1.37 -5.33
C LYS A 50 -16.52 1.08 -3.90
N GLY A 51 -16.59 -0.21 -3.57
CA GLY A 51 -16.91 -0.62 -2.22
C GLY A 51 -15.87 -0.10 -1.24
N PHE A 52 -14.58 -0.32 -1.53
CA PHE A 52 -13.50 0.05 -0.61
C PHE A 52 -13.44 1.55 -0.41
N LEU A 53 -13.63 2.30 -1.51
CA LEU A 53 -13.67 3.76 -1.47
C LEU A 53 -14.88 4.31 -0.68
N LYS A 54 -16.06 3.72 -0.87
CA LYS A 54 -17.24 4.07 -0.05
C LYS A 54 -16.89 3.86 1.43
N LEU A 55 -16.35 2.69 1.74
CA LEU A 55 -15.95 2.34 3.09
C LEU A 55 -14.95 3.33 3.70
N LEU A 56 -13.84 3.59 2.99
CA LEU A 56 -12.80 4.51 3.47
C LEU A 56 -13.37 5.90 3.75
N ARG A 57 -14.22 6.40 2.85
CA ARG A 57 -14.85 7.69 3.03
C ARG A 57 -15.79 7.69 4.22
N MSE A 58 -16.52 6.59 4.42
CA MSE A 58 -17.40 6.52 5.56
C MSE A 58 -16.62 6.57 6.88
O MSE A 58 -17.05 7.22 7.83
CB MSE A 58 -18.27 5.26 5.52
CG MSE A 58 -19.40 5.33 4.52
SE MSE A 58 -20.33 3.63 4.58
CE MSE A 58 -21.47 3.99 6.14
N ILE A 59 -15.51 5.83 6.96
CA ILE A 59 -14.66 5.82 8.17
C ILE A 59 -14.18 7.24 8.45
N LEU A 60 -13.64 7.88 7.41
CA LEU A 60 -13.11 9.23 7.47
C LEU A 60 -14.18 10.27 7.83
N ASN A 61 -15.43 9.98 7.48
CA ASN A 61 -16.57 10.82 7.85
C ASN A 61 -17.21 10.43 9.19
N ASN A 62 -16.51 9.59 9.96
CA ASN A 62 -16.97 9.20 11.29
C ASN A 62 -18.31 8.48 11.28
N GLU A 63 -18.55 7.65 10.28
CA GLU A 63 -19.83 6.92 10.19
C GLU A 63 -19.73 5.49 10.74
N VAL A 64 -18.51 5.07 11.08
CA VAL A 64 -18.20 3.64 11.24
C VAL A 64 -17.64 3.35 12.63
N SER A 65 -18.25 2.38 13.28
CA SER A 65 -17.77 1.92 14.57
C SER A 65 -16.82 0.75 14.37
N ARG A 66 -17.14 -0.12 13.42
CA ARG A 66 -16.40 -1.38 13.29
C ARG A 66 -16.49 -1.94 11.85
N VAL A 67 -15.37 -2.41 11.31
CA VAL A 67 -15.37 -3.11 10.02
C VAL A 67 -14.90 -4.53 10.29
N ILE A 68 -15.66 -5.53 9.84
CA ILE A 68 -15.29 -6.93 9.98
C ILE A 68 -14.97 -7.51 8.58
N THR A 69 -13.82 -8.17 8.50
CA THR A 69 -13.39 -8.77 7.25
C THR A 69 -12.79 -10.13 7.58
N ALA A 70 -12.72 -11.03 6.59
CA ALA A 70 -12.25 -12.40 6.85
C ALA A 70 -10.77 -12.50 7.27
N TYR A 71 -9.93 -11.72 6.61
CA TYR A 71 -8.52 -11.56 6.94
C TYR A 71 -7.98 -10.26 6.32
N PRO A 72 -6.77 -9.83 6.74
CA PRO A 72 -6.33 -8.47 6.39
C PRO A 72 -6.28 -8.18 4.87
N ASP A 73 -5.81 -9.13 4.06
CA ASP A 73 -5.68 -8.86 2.59
C ASP A 73 -7.02 -8.77 1.85
N ARG A 74 -8.12 -9.09 2.53
CA ARG A 74 -9.42 -8.72 1.97
C ARG A 74 -9.53 -7.21 1.74
N LEU A 75 -9.02 -6.42 2.68
CA LEU A 75 -9.10 -4.95 2.55
C LEU A 75 -8.13 -4.39 1.54
N VAL A 76 -6.86 -4.74 1.69
CA VAL A 76 -5.80 -4.23 0.80
C VAL A 76 -4.66 -5.22 0.76
N ARG A 77 -3.87 -5.15 -0.31
CA ARG A 77 -2.63 -5.93 -0.40
C ARG A 77 -1.47 -5.19 0.31
N PHE A 78 -1.46 -3.86 0.25
CA PHE A 78 -0.42 -3.07 0.93
C PHE A 78 -1.13 -2.00 1.72
N GLY A 79 -0.54 -1.57 2.84
CA GLY A 79 -1.04 -0.38 3.57
C GLY A 79 -2.09 -0.70 4.61
N PHE A 80 -2.29 -1.99 4.89
CA PHE A 80 -3.20 -2.32 5.99
C PHE A 80 -2.92 -1.45 7.24
N GLU A 81 -1.64 -1.19 7.51
CA GLU A 81 -1.24 -0.40 8.68
C GLU A 81 -1.72 1.03 8.55
N ILE A 82 -1.70 1.60 7.35
CA ILE A 82 -2.25 2.95 7.17
C ILE A 82 -3.74 2.91 7.52
N LEU A 83 -4.46 1.91 7.02
CA LEU A 83 -5.90 1.85 7.35
C LEU A 83 -6.17 1.80 8.84
N GLU A 84 -5.33 1.05 9.57
CA GLU A 84 -5.50 0.92 11.01
C GLU A 84 -5.27 2.27 11.73
N GLU A 85 -4.30 3.03 11.22
CA GLU A 85 -4.02 4.33 11.79
C GLU A 85 -5.24 5.23 11.56
N VAL A 86 -5.78 5.16 10.33
CA VAL A 86 -6.97 5.92 9.97
C VAL A 86 -8.14 5.57 10.88
N CYS A 87 -8.37 4.27 11.06
CA CYS A 87 -9.48 3.82 11.91
C CYS A 87 -9.32 4.27 13.35
N LYS A 88 -8.08 4.19 13.86
CA LYS A 88 -7.80 4.57 15.24
C LYS A 88 -8.18 6.05 15.44
N ALA A 89 -7.78 6.92 14.53
CA ALA A 89 -8.13 8.33 14.63
C ALA A 89 -9.64 8.59 14.44
N HIS A 90 -10.36 7.65 13.84
CA HIS A 90 -11.79 7.86 13.58
C HIS A 90 -12.73 6.94 14.34
N ASN A 91 -12.27 6.48 15.51
CA ASN A 91 -13.07 5.74 16.47
C ASN A 91 -13.65 4.48 15.87
N CYS A 92 -12.83 3.88 15.02
CA CYS A 92 -13.19 2.72 14.26
C CYS A 92 -12.15 1.62 14.51
N GLU A 93 -12.62 0.39 14.54
CA GLU A 93 -11.77 -0.77 14.76
C GLU A 93 -11.97 -1.69 13.57
N ILE A 94 -10.89 -2.20 12.99
CA ILE A 94 -10.99 -3.21 11.94
C ILE A 94 -10.83 -4.52 12.68
N VAL A 95 -11.77 -5.44 12.47
CA VAL A 95 -11.71 -6.80 12.99
C VAL A 95 -11.47 -7.75 11.82
N VAL A 96 -10.45 -8.59 11.97
CA VAL A 96 -10.15 -9.62 10.99
C VAL A 96 -10.46 -10.92 11.69
N LEU A 97 -11.23 -11.80 11.06
CA LEU A 97 -11.64 -13.04 11.73
C LEU A 97 -10.48 -14.00 11.81
N ASN A 98 -9.54 -13.83 10.91
CA ASN A 98 -8.29 -14.54 11.04
C ASN A 98 -7.13 -13.56 10.77
N GLN A 99 -6.09 -13.64 11.63
CA GLN A 99 -4.90 -12.81 11.51
C GLN A 99 -4.14 -13.11 10.22
N GLU A 100 -4.07 -14.39 9.85
CA GLU A 100 -3.36 -14.80 8.64
C GLU A 100 -4.29 -14.87 7.44
N ASP A 101 -3.80 -14.31 6.34
CA ASP A 101 -4.47 -14.37 5.06
C ASP A 101 -4.60 -15.79 4.51
N LYS A 102 -5.75 -16.07 3.92
CA LYS A 102 -6.00 -17.35 3.28
C LYS A 102 -6.22 -17.14 1.77
N THR A 103 -5.46 -16.22 1.20
CA THR A 103 -5.49 -15.90 -0.25
C THR A 103 -5.36 -17.11 -1.17
N PRO A 104 -6.26 -17.25 -2.18
CA PRO A 104 -6.05 -18.27 -3.22
C PRO A 104 -4.76 -18.04 -4.00
N GLU A 105 -4.17 -19.13 -4.46
CA GLU A 105 -2.92 -19.08 -5.19
C GLU A 105 -3.03 -18.15 -6.39
N GLU A 106 -4.09 -18.32 -7.15
CA GLU A 106 -4.33 -17.53 -8.37
C GLU A 106 -4.31 -16.03 -8.06
N GLU A 107 -4.81 -15.65 -6.88
CA GLU A 107 -4.94 -14.24 -6.53
C GLU A 107 -3.53 -13.67 -6.29
N LEU A 108 -2.71 -14.40 -5.55
CA LEU A 108 -1.36 -13.93 -5.26
C LEU A 108 -0.52 -13.79 -6.52
N VAL A 109 -0.67 -14.74 -7.44
CA VAL A 109 0.12 -14.79 -8.68
C VAL A 109 -0.30 -13.61 -9.56
N GLU A 110 -1.60 -13.37 -9.59
CA GLU A 110 -2.16 -12.27 -10.34
C GLU A 110 -1.68 -10.94 -9.78
N ASP A 111 -1.67 -10.81 -8.46
CA ASP A 111 -1.19 -9.56 -7.81
C ASP A 111 0.31 -9.35 -8.07
N LEU A 112 1.09 -10.41 -7.93
CA LEU A 112 2.51 -10.31 -8.27
C LEU A 112 2.74 -9.92 -9.74
N ALA A 113 1.98 -10.50 -10.66
CA ALA A 113 2.11 -10.14 -12.09
C ALA A 113 1.78 -8.64 -12.32
N THR A 114 0.76 -8.15 -11.66
CA THR A 114 0.44 -6.72 -11.73
C THR A 114 1.60 -5.87 -11.20
N ILE A 115 2.15 -6.27 -10.05
CA ILE A 115 3.26 -5.56 -9.40
C ILE A 115 4.51 -5.61 -10.33
N LEU A 116 4.82 -6.79 -10.88
CA LEU A 116 5.98 -7.00 -11.78
C LEU A 116 5.88 -6.13 -13.03
N VAL A 117 4.69 -6.05 -13.60
CA VAL A 117 4.43 -5.15 -14.75
C VAL A 117 4.68 -3.68 -14.42
N SER A 118 4.24 -3.28 -13.24
CA SER A 118 4.46 -1.93 -12.79
C SER A 118 5.95 -1.60 -12.66
N PHE A 119 6.73 -2.47 -11.98
CA PHE A 119 8.17 -2.28 -11.85
C PHE A 119 8.91 -2.31 -13.20
N SER A 120 8.54 -3.25 -14.09
CA SER A 120 9.27 -3.35 -15.35
C SER A 120 9.09 -2.06 -16.16
N GLY A 121 7.90 -1.48 -16.06
CA GLY A 121 7.61 -0.20 -16.74
C GLY A 121 8.58 0.86 -16.25
N LYS A 122 8.74 0.95 -14.93
CA LYS A 122 9.66 1.92 -14.31
C LYS A 122 11.13 1.62 -14.64
N LEU A 123 11.53 0.35 -14.62
CA LEU A 123 12.90 -0.02 -14.96
C LEU A 123 13.24 0.33 -16.44
N HIS A 124 12.28 0.09 -17.34
CA HIS A 124 12.45 0.43 -18.72
C HIS A 124 12.62 1.93 -18.87
N GLY A 125 11.77 2.69 -18.19
CA GLY A 125 11.83 4.15 -18.13
C GLY A 125 13.20 4.63 -17.72
N MSE A 126 13.86 3.97 -16.79
CA MSE A 126 15.20 4.44 -16.45
C MSE A 126 16.31 3.68 -17.16
O MSE A 126 17.49 3.83 -16.81
CB MSE A 126 15.39 4.41 -14.92
CG MSE A 126 15.19 3.07 -14.31
SE MSE A 126 15.62 3.22 -12.44
CE MSE A 126 17.41 4.01 -12.59
N ARG A 127 15.95 2.87 -18.17
CA ARG A 127 16.91 2.03 -18.95
C ARG A 127 17.79 1.12 -18.11
N SER A 128 17.20 0.53 -17.07
CA SER A 128 17.93 -0.32 -16.18
C SER A 128 18.05 -1.71 -16.78
N GLN A 129 19.23 -2.31 -16.64
CA GLN A 129 19.45 -3.68 -17.11
C GLN A 129 18.70 -4.74 -16.27
N LYS A 130 18.03 -4.32 -15.20
CA LYS A 130 17.17 -5.27 -14.48
C LYS A 130 15.83 -5.49 -15.19
N TYR A 131 15.49 -4.65 -16.16
CA TYR A 131 14.22 -4.80 -16.85
C TYR A 131 14.05 -6.23 -17.37
N GLU A 132 15.10 -6.81 -17.96
CA GLU A 132 14.98 -8.09 -18.60
C GLU A 132 14.72 -9.20 -17.58
N LYS A 133 15.29 -9.07 -16.38
CA LYS A 133 15.03 -10.05 -15.32
C LYS A 133 13.58 -10.01 -14.86
N VAL A 134 13.07 -8.77 -14.74
CA VAL A 134 11.72 -8.54 -14.24
C VAL A 134 10.65 -9.05 -15.25
N LYS A 135 10.86 -8.77 -16.54
CA LYS A 135 10.04 -9.31 -17.61
C LYS A 135 10.03 -10.86 -17.59
N LYS A 136 11.22 -11.44 -17.52
CA LYS A 136 11.39 -12.87 -17.44
C LYS A 136 10.62 -13.48 -16.25
N CYS A 137 10.64 -12.79 -15.10
N CYS A 137 10.63 -12.76 -15.13
CA CYS A 137 9.89 -13.24 -13.92
CA CYS A 137 9.92 -13.18 -13.93
C CYS A 137 8.37 -13.21 -14.15
C CYS A 137 8.40 -13.17 -14.11
N ALA A 138 7.88 -12.10 -14.69
CA ALA A 138 6.45 -12.00 -15.05
C ALA A 138 6.05 -13.14 -16.02
N GLU A 139 6.89 -13.41 -17.01
CA GLU A 139 6.66 -14.52 -17.91
C GLU A 139 6.58 -15.90 -17.18
N GLU A 140 7.57 -16.18 -16.33
CA GLU A 140 7.59 -17.43 -15.56
C GLU A 140 6.28 -17.59 -14.78
N LEU A 141 5.78 -16.49 -14.21
CA LEU A 141 4.54 -16.54 -13.40
C LEU A 141 3.29 -16.71 -14.22
N LYS A 142 3.32 -16.27 -15.47
CA LYS A 142 2.23 -16.53 -16.41
C LYS A 142 2.21 -17.97 -16.98
N ASN A 143 3.25 -18.75 -16.70
CA ASN A 143 3.36 -20.12 -17.14
C ASN A 143 2.87 -21.11 -16.11
N ALA B 3 -2.84 24.42 11.24
CA ALA B 3 -2.46 24.62 9.81
C ALA B 3 -0.95 24.60 9.65
N LYS B 4 -0.31 23.48 10.00
CA LYS B 4 1.15 23.33 9.85
C LYS B 4 1.53 23.03 8.41
N VAL B 5 2.62 23.64 7.95
CA VAL B 5 3.17 23.27 6.66
C VAL B 5 4.39 22.40 6.91
N ILE B 6 4.35 21.18 6.38
CA ILE B 6 5.36 20.18 6.63
C ILE B 6 6.12 19.71 5.40
N LEU B 7 7.43 19.59 5.55
CA LEU B 7 8.30 18.98 4.56
C LEU B 7 8.62 17.54 4.95
N TYR B 8 8.37 16.60 4.03
CA TYR B 8 8.72 15.19 4.25
C TYR B 8 9.76 14.76 3.24
N ALA B 9 10.85 14.21 3.78
CA ALA B 9 11.99 13.80 2.97
C ALA B 9 12.36 12.42 3.37
N ARG B 10 12.70 11.58 2.37
CA ARG B 10 13.02 10.19 2.64
C ARG B 10 14.06 9.68 1.63
N VAL B 11 15.02 8.93 2.14
CA VAL B 11 15.91 8.18 1.28
C VAL B 11 15.88 6.76 1.80
N SER B 12 16.10 5.81 0.90
CA SER B 12 16.17 4.41 1.28
C SER B 12 17.47 4.16 1.99
N SER B 13 18.52 4.84 1.52
CA SER B 13 19.78 4.87 2.26
C SER B 13 20.60 6.11 1.87
N ASN B 14 21.51 6.54 2.73
CA ASN B 14 22.46 7.57 2.30
C ASN B 14 23.67 7.05 1.57
N THR B 15 23.50 6.94 0.25
CA THR B 15 24.51 6.42 -0.66
C THR B 15 25.72 7.37 -0.81
N ASP B 18 25.48 14.69 0.65
CA ASP B 18 24.64 13.63 1.24
C ASP B 18 23.15 13.75 0.86
N ASP B 19 22.58 12.61 0.51
CA ASP B 19 21.36 12.59 -0.29
C ASP B 19 20.13 13.11 0.44
N LEU B 20 19.99 12.72 1.70
CA LEU B 20 18.84 13.12 2.49
C LEU B 20 18.93 14.62 2.78
N ALA B 21 20.07 15.06 3.33
CA ALA B 21 20.34 16.47 3.58
C ALA B 21 20.05 17.31 2.34
N ASN B 22 20.45 16.82 1.17
CA ASN B 22 20.25 17.53 -0.08
C ASN B 22 18.80 17.60 -0.54
N GLN B 23 18.06 16.53 -0.28
CA GLN B 23 16.66 16.52 -0.54
C GLN B 23 15.95 17.57 0.33
N VAL B 24 16.30 17.61 1.62
CA VAL B 24 15.76 18.61 2.53
C VAL B 24 16.05 20.05 2.03
N LYS B 25 17.29 20.28 1.59
CA LYS B 25 17.74 21.61 1.13
C LYS B 25 16.88 22.06 -0.04
N TYR B 26 16.63 21.12 -0.93
CA TYR B 26 15.86 21.38 -2.12
C TYR B 26 14.41 21.76 -1.76
N LEU B 27 13.80 20.97 -0.87
CA LEU B 27 12.47 21.26 -0.36
C LEU B 27 12.42 22.66 0.24
N GLU B 28 13.38 22.97 1.12
CA GLU B 28 13.32 24.24 1.81
C GLU B 28 13.58 25.39 0.86
N GLU B 29 14.29 25.14 -0.23
CA GLU B 29 14.58 26.16 -1.25
C GLU B 29 13.32 26.46 -2.05
N GLN B 30 12.60 25.39 -2.34
CA GLN B 30 11.36 25.42 -3.09
C GLN B 30 10.21 25.98 -2.26
N VAL B 31 10.10 25.52 -1.02
CA VAL B 31 9.06 25.99 -0.11
C VAL B 31 9.72 26.74 1.03
N LYS B 32 9.79 28.05 0.93
CA LYS B 32 10.50 28.87 1.92
C LYS B 32 9.83 29.00 3.29
N GLU B 33 8.51 28.99 3.33
CA GLU B 33 7.75 29.03 4.58
C GLU B 33 7.28 27.61 4.94
N TYR B 34 7.73 27.10 6.07
CA TYR B 34 7.42 25.75 6.54
C TYR B 34 7.62 25.72 8.04
N ASP B 35 6.93 24.77 8.66
CA ASP B 35 6.89 24.71 10.11
C ASP B 35 7.75 23.58 10.68
N LEU B 36 7.88 22.51 9.90
CA LEU B 36 8.48 21.27 10.41
C LEU B 36 9.02 20.45 9.26
N VAL B 37 10.12 19.73 9.51
CA VAL B 37 10.73 18.86 8.52
C VAL B 37 10.78 17.48 9.17
N ILE B 38 10.14 16.52 8.51
CA ILE B 38 10.17 15.15 8.93
C ILE B 38 10.92 14.33 7.90
N THR B 39 11.85 13.51 8.36
CA THR B 39 12.67 12.70 7.49
C THR B 39 12.64 11.25 7.95
N ASP B 40 12.90 10.32 7.02
CA ASP B 40 13.10 8.93 7.39
C ASP B 40 14.20 8.37 6.51
N ILE B 41 14.99 7.46 7.07
CA ILE B 41 15.85 6.65 6.24
C ILE B 41 15.20 5.27 6.18
N GLY B 42 14.77 4.89 4.99
CA GLY B 42 14.12 3.58 4.85
C GLY B 42 13.27 3.56 3.61
N SER B 43 12.73 2.38 3.32
CA SER B 43 11.80 2.17 2.20
C SER B 43 10.44 2.82 2.41
N GLY B 44 9.90 3.33 1.31
CA GLY B 44 8.52 3.70 1.22
C GLY B 44 7.53 2.57 1.50
N LEU B 45 7.99 1.30 1.42
CA LEU B 45 7.15 0.16 1.80
C LEU B 45 7.09 0.02 3.31
N ASN B 46 8.03 0.67 3.99
CA ASN B 46 8.26 0.40 5.43
C ASN B 46 7.20 1.17 6.22
N MSE B 47 6.21 0.44 6.73
CA MSE B 47 5.07 1.01 7.46
C MSE B 47 5.41 1.35 8.92
O MSE B 47 4.57 1.88 9.65
CB MSE B 47 3.88 0.04 7.42
CG MSE B 47 3.37 -0.26 6.02
SE MSE B 47 2.55 1.35 5.25
CE MSE B 47 4.05 2.29 4.36
N LYS B 48 6.64 1.06 9.32
CA LYS B 48 7.05 1.39 10.69
C LYS B 48 7.93 2.64 10.78
N ARG B 49 8.05 3.37 9.67
CA ARG B 49 8.82 4.59 9.68
C ARG B 49 8.26 5.55 10.68
N LYS B 50 9.10 6.02 11.58
CA LYS B 50 8.66 6.88 12.64
C LYS B 50 8.26 8.28 12.13
N GLY B 51 9.00 8.79 11.16
CA GLY B 51 8.69 10.10 10.56
C GLY B 51 7.34 10.05 9.88
N PHE B 52 7.19 9.13 8.95
CA PHE B 52 5.90 8.81 8.31
C PHE B 52 4.73 8.59 9.29
N LEU B 53 4.91 7.79 10.33
CA LEU B 53 3.82 7.54 11.28
C LEU B 53 3.48 8.84 12.04
N LYS B 54 4.49 9.60 12.47
CA LYS B 54 4.27 10.90 13.09
C LYS B 54 3.45 11.80 12.13
N LEU B 55 3.86 11.87 10.87
CA LEU B 55 3.18 12.72 9.90
C LEU B 55 1.74 12.29 9.65
N LEU B 56 1.51 10.99 9.50
CA LEU B 56 0.16 10.47 9.25
C LEU B 56 -0.77 10.81 10.45
N ARG B 57 -0.27 10.60 11.66
CA ARG B 57 -1.04 10.89 12.85
C ARG B 57 -1.33 12.38 12.99
N MSE B 58 -0.42 13.21 12.52
CA MSE B 58 -0.66 14.65 12.60
C MSE B 58 -1.73 15.07 11.60
O MSE B 58 -2.54 15.95 11.90
CB MSE B 58 0.63 15.45 12.35
CG MSE B 58 1.63 15.47 13.51
SE MSE B 58 3.27 16.43 12.96
CE MSE B 58 2.62 18.30 13.11
N ILE B 59 -1.73 14.46 10.41
CA ILE B 59 -2.74 14.81 9.38
C ILE B 59 -4.10 14.41 9.91
N LEU B 60 -4.17 13.24 10.52
CA LEU B 60 -5.44 12.73 11.04
C LEU B 60 -5.95 13.52 12.25
N ASN B 61 -5.05 14.23 12.92
CA ASN B 61 -5.41 15.04 14.06
C ASN B 61 -5.60 16.49 13.66
N ASN B 62 -5.77 16.71 12.36
CA ASN B 62 -6.03 18.04 11.79
C ASN B 62 -4.99 19.10 12.11
N GLU B 63 -3.73 18.72 12.19
CA GLU B 63 -2.70 19.71 12.45
C GLU B 63 -2.08 20.26 11.19
N VAL B 64 -2.40 19.67 10.05
CA VAL B 64 -1.62 19.88 8.83
C VAL B 64 -2.42 20.50 7.69
N SER B 65 -1.88 21.55 7.12
CA SER B 65 -2.46 22.20 5.96
C SER B 65 -1.84 21.64 4.66
N ARG B 66 -0.55 21.31 4.70
CA ARG B 66 0.19 20.95 3.52
C ARG B 66 1.39 20.07 3.90
N VAL B 67 1.59 19.01 3.12
CA VAL B 67 2.78 18.18 3.15
C VAL B 67 3.45 18.38 1.80
N ILE B 68 4.73 18.73 1.83
CA ILE B 68 5.49 18.91 0.59
C ILE B 68 6.59 17.88 0.51
N THR B 69 6.67 17.30 -0.68
CA THR B 69 7.52 16.19 -0.98
C THR B 69 8.15 16.42 -2.36
N ALA B 70 9.36 15.87 -2.56
CA ALA B 70 10.11 16.06 -3.80
C ALA B 70 9.54 15.27 -5.02
N TYR B 71 9.11 14.03 -4.77
CA TYR B 71 8.65 13.10 -5.81
C TYR B 71 7.46 12.28 -5.33
N PRO B 72 6.63 11.79 -6.28
CA PRO B 72 5.47 11.00 -5.87
C PRO B 72 5.76 9.87 -4.89
N ASP B 73 6.90 9.18 -5.00
CA ASP B 73 7.19 8.00 -4.19
C ASP B 73 7.96 8.25 -2.90
N ARG B 74 8.09 9.50 -2.47
CA ARG B 74 8.79 9.78 -1.22
C ARG B 74 7.94 9.33 -0.04
N LEU B 75 6.62 9.56 -0.11
CA LEU B 75 5.71 9.14 0.98
C LEU B 75 5.48 7.62 1.05
N VAL B 76 5.17 7.04 -0.10
CA VAL B 76 4.84 5.59 -0.11
C VAL B 76 5.16 5.03 -1.48
N ARG B 77 5.29 3.71 -1.55
CA ARG B 77 5.52 2.98 -2.78
C ARG B 77 4.16 2.56 -3.34
N PHE B 78 3.26 2.20 -2.42
CA PHE B 78 1.89 1.85 -2.74
C PHE B 78 0.95 2.62 -1.87
N GLY B 79 -0.27 2.86 -2.36
CA GLY B 79 -1.33 3.40 -1.54
C GLY B 79 -1.37 4.91 -1.49
N PHE B 80 -0.67 5.57 -2.40
CA PHE B 80 -0.77 7.03 -2.47
C PHE B 80 -2.25 7.48 -2.45
N GLU B 81 -3.12 6.72 -3.11
CA GLU B 81 -4.54 7.10 -3.24
C GLU B 81 -5.20 7.17 -1.89
N ILE B 82 -4.86 6.23 -1.01
CA ILE B 82 -5.43 6.25 0.31
C ILE B 82 -5.01 7.51 1.08
N LEU B 83 -3.72 7.86 1.01
CA LEU B 83 -3.24 9.04 1.68
C LEU B 83 -3.91 10.27 1.11
N GLU B 84 -4.23 10.24 -0.19
CA GLU B 84 -4.95 11.34 -0.80
C GLU B 84 -6.36 11.51 -0.27
N GLU B 85 -7.02 10.38 0.00
CA GLU B 85 -8.38 10.43 0.55
C GLU B 85 -8.33 10.95 1.99
N VAL B 86 -7.31 10.48 2.73
CA VAL B 86 -7.10 10.91 4.10
C VAL B 86 -6.89 12.42 4.19
N CYS B 87 -5.93 12.93 3.41
CA CYS B 87 -5.60 14.35 3.42
C CYS B 87 -6.81 15.20 3.08
N LYS B 88 -7.53 14.85 2.02
CA LYS B 88 -8.67 15.61 1.54
C LYS B 88 -9.72 15.72 2.64
N ALA B 89 -9.92 14.62 3.36
CA ALA B 89 -10.81 14.59 4.50
C ALA B 89 -10.37 15.42 5.69
N HIS B 90 -9.07 15.73 5.78
CA HIS B 90 -8.57 16.49 6.91
C HIS B 90 -7.99 17.79 6.44
N ASN B 91 -8.49 18.27 5.30
CA ASN B 91 -8.12 19.57 4.71
C ASN B 91 -6.64 19.76 4.57
N CYS B 92 -6.00 18.69 4.19
CA CYS B 92 -4.59 18.71 4.03
C CYS B 92 -4.31 18.50 2.54
N GLU B 93 -3.31 19.20 2.04
CA GLU B 93 -2.94 19.12 0.63
C GLU B 93 -1.60 18.38 0.51
N ILE B 94 -1.50 17.44 -0.43
CA ILE B 94 -0.21 16.82 -0.76
C ILE B 94 0.37 17.47 -2.00
N VAL B 95 1.57 18.02 -1.85
CA VAL B 95 2.21 18.75 -2.92
C VAL B 95 3.49 17.99 -3.27
N VAL B 96 3.56 17.55 -4.52
CA VAL B 96 4.74 16.86 -4.99
C VAL B 96 5.38 17.81 -5.98
N LEU B 97 6.60 18.20 -5.67
CA LEU B 97 7.32 19.22 -6.43
C LEU B 97 7.62 18.83 -7.86
N ASN B 98 8.01 17.58 -8.10
CA ASN B 98 8.31 17.12 -9.46
C ASN B 98 7.36 15.99 -9.87
N GLN B 99 6.98 15.98 -11.14
CA GLN B 99 5.92 15.07 -11.54
C GLN B 99 6.34 13.60 -11.70
N GLU B 100 7.55 13.38 -12.20
CA GLU B 100 8.08 12.04 -12.37
C GLU B 100 8.96 11.74 -11.18
N ASP B 101 8.83 10.52 -10.66
CA ASP B 101 9.81 10.02 -9.70
C ASP B 101 11.21 10.08 -10.28
N LYS B 102 12.19 10.34 -9.44
CA LYS B 102 13.57 10.19 -9.83
C LYS B 102 14.14 9.16 -8.86
N THR B 103 13.54 7.97 -8.87
CA THR B 103 13.92 6.88 -7.97
C THR B 103 15.25 6.23 -8.37
N PRO B 104 16.22 6.16 -7.43
CA PRO B 104 17.42 5.45 -7.81
C PRO B 104 17.09 3.99 -8.15
N GLU B 105 17.83 3.46 -9.12
CA GLU B 105 17.64 2.07 -9.52
C GLU B 105 17.74 1.15 -8.29
N GLU B 106 18.73 1.38 -7.41
CA GLU B 106 18.90 0.43 -6.31
C GLU B 106 17.68 0.42 -5.39
N GLU B 107 16.99 1.56 -5.28
CA GLU B 107 15.78 1.63 -4.47
C GLU B 107 14.64 0.75 -5.05
N LEU B 108 14.35 0.92 -6.35
CA LEU B 108 13.36 0.07 -7.03
C LEU B 108 13.64 -1.42 -6.89
N VAL B 109 14.90 -1.81 -7.13
CA VAL B 109 15.29 -3.23 -7.05
C VAL B 109 15.17 -3.71 -5.63
N GLU B 110 15.68 -2.91 -4.70
CA GLU B 110 15.53 -3.22 -3.29
C GLU B 110 14.05 -3.49 -2.96
N ASP B 111 13.18 -2.56 -3.35
CA ASP B 111 11.73 -2.67 -3.05
C ASP B 111 11.07 -3.90 -3.69
N LEU B 112 11.39 -4.14 -4.96
CA LEU B 112 10.92 -5.35 -5.67
C LEU B 112 11.33 -6.64 -4.92
N ALA B 113 12.60 -6.70 -4.54
CA ALA B 113 13.17 -7.81 -3.80
C ALA B 113 12.45 -8.06 -2.48
N THR B 114 12.17 -6.98 -1.73
CA THR B 114 11.36 -7.06 -0.51
C THR B 114 10.00 -7.67 -0.81
N ILE B 115 9.37 -7.21 -1.88
CA ILE B 115 8.04 -7.70 -2.23
C ILE B 115 8.08 -9.20 -2.60
N LEU B 116 9.07 -9.57 -3.42
CA LEU B 116 9.22 -10.96 -3.89
C LEU B 116 9.47 -11.91 -2.74
N VAL B 117 10.33 -11.52 -1.80
CA VAL B 117 10.53 -12.30 -0.59
C VAL B 117 9.21 -12.46 0.16
N SER B 118 8.48 -11.36 0.29
CA SER B 118 7.17 -11.40 0.96
C SER B 118 6.25 -12.44 0.27
N PHE B 119 6.09 -12.32 -1.04
CA PHE B 119 5.25 -13.27 -1.81
C PHE B 119 5.72 -14.73 -1.72
N SER B 120 7.04 -14.96 -1.80
CA SER B 120 7.52 -16.35 -1.68
C SER B 120 7.12 -16.94 -0.35
N GLY B 121 7.09 -16.12 0.70
CA GLY B 121 6.65 -16.60 2.01
C GLY B 121 5.20 -16.98 1.97
N LYS B 122 4.38 -16.13 1.34
CA LYS B 122 2.95 -16.38 1.21
C LYS B 122 2.68 -17.65 0.36
N LEU B 123 3.50 -17.87 -0.67
CA LEU B 123 3.34 -19.01 -1.56
C LEU B 123 3.90 -20.30 -0.96
N HIS B 124 4.86 -20.15 -0.07
CA HIS B 124 5.57 -21.29 0.47
C HIS B 124 4.66 -22.00 1.45
N GLY B 125 3.97 -21.20 2.26
CA GLY B 125 3.06 -21.70 3.29
C GLY B 125 2.12 -22.72 2.68
N MSE B 126 1.57 -22.39 1.52
CA MSE B 126 0.62 -23.28 0.83
C MSE B 126 1.30 -24.38 0.01
O MSE B 126 0.65 -25.36 -0.33
CB MSE B 126 -0.32 -22.45 -0.06
CG MSE B 126 0.37 -21.57 -1.07
SE MSE B 126 -0.89 -20.31 -1.87
CE MSE B 126 -1.32 -19.27 -0.28
N ARG B 127 2.59 -24.22 -0.27
CA ARG B 127 3.35 -25.12 -1.16
C ARG B 127 2.84 -25.08 -2.61
N SER B 128 2.86 -23.89 -3.17
CA SER B 128 2.45 -23.62 -4.54
C SER B 128 3.59 -23.96 -5.51
N GLN B 129 3.28 -24.50 -6.70
CA GLN B 129 4.27 -24.74 -7.77
C GLN B 129 5.16 -23.53 -7.98
N LYS B 130 4.64 -22.36 -7.62
CA LYS B 130 5.16 -21.05 -7.92
C LYS B 130 6.23 -20.54 -6.93
N TYR B 131 6.37 -21.19 -5.78
CA TYR B 131 7.32 -20.77 -4.76
C TYR B 131 8.74 -20.62 -5.35
N GLU B 132 9.22 -21.66 -6.02
CA GLU B 132 10.58 -21.67 -6.55
C GLU B 132 10.82 -20.56 -7.59
N LYS B 133 9.86 -20.32 -8.47
CA LYS B 133 10.03 -19.25 -9.47
C LYS B 133 10.22 -17.91 -8.79
N VAL B 134 9.40 -17.65 -7.77
CA VAL B 134 9.45 -16.38 -7.07
C VAL B 134 10.75 -16.27 -6.27
N LYS B 135 11.15 -17.38 -5.67
CA LYS B 135 12.41 -17.44 -4.94
C LYS B 135 13.57 -17.15 -5.90
N LYS B 136 13.54 -17.74 -7.11
CA LYS B 136 14.62 -17.55 -8.08
C LYS B 136 14.66 -16.11 -8.58
N CYS B 137 13.48 -15.56 -8.81
N CYS B 137 13.47 -15.54 -8.83
CA CYS B 137 13.36 -14.19 -9.19
CA CYS B 137 13.30 -14.13 -9.19
C CYS B 137 14.04 -13.23 -8.19
C CYS B 137 13.99 -13.19 -8.19
N ALA B 138 13.82 -13.45 -6.90
CA ALA B 138 14.40 -12.58 -5.87
C ALA B 138 15.92 -12.65 -5.94
N GLU B 139 16.41 -13.87 -6.07
CA GLU B 139 17.85 -14.14 -6.19
C GLU B 139 18.49 -13.42 -7.40
N GLU B 140 17.87 -13.59 -8.56
CA GLU B 140 18.33 -12.96 -9.80
C GLU B 140 18.45 -11.44 -9.68
N LEU B 141 17.51 -10.84 -8.94
CA LEU B 141 17.51 -9.39 -8.67
C LEU B 141 18.66 -8.92 -7.78
N LYS B 142 19.34 -9.84 -7.10
CA LYS B 142 20.49 -9.51 -6.28
C LYS B 142 21.82 -9.65 -7.06
N ASN B 143 21.74 -10.22 -8.27
CA ASN B 143 22.92 -10.43 -9.12
C ASN B 143 23.19 -9.26 -10.05
C1 GOL C . -24.06 7.29 3.46
O1 GOL C . -22.88 6.90 4.13
C2 GOL C . -24.95 6.09 3.13
O2 GOL C . -24.54 4.92 3.82
C3 GOL C . -24.96 5.81 1.62
O3 GOL C . -26.20 6.17 1.09
#